data_9BXD
#
_entry.id   9BXD
#
_cell.length_a   61.013
_cell.length_b   65.837
_cell.length_c   90.518
_cell.angle_alpha   90.00
_cell.angle_beta   90.00
_cell.angle_gamma   90.00
#
_symmetry.space_group_name_H-M   'P 21 21 21'
#
loop_
_entity.id
_entity.type
_entity.pdbx_description
1 polymer 'HIV-1 LM/HS clade A/E CRF01 gp120 core'
2 non-polymer 2-acetamido-2-deoxy-beta-D-glucopyranose
3 non-polymer '4-(2-HYDROXYETHYL)-1-PIPERAZINE ETHANESULFONIC ACID'
4 non-polymer (3S)-1-(4-L-arginylpiperazine-1-carbonyl)-N-(4-chloro-3-fluorophenyl)piperidine-3-carboxamide
5 non-polymer (4S)-2-METHYL-2,4-PENTANEDIOL
6 water water
#
_entity_poly.entity_id   1
_entity_poly.type   'polypeptide(L)'
_entity_poly.pdbx_seq_one_letter_code
;VPVWKDADTTLFCASDAKAYETEVHNVWATHACVPTDPNPQEIHLENVTENFNMWKNNMVEQMHEDIISLWDQSLQPCVK
LTGGSVIKQACPKISFDPIPIHYCTPAGYVILKCNDKNFNGTGPCKNVSSVQCTHGIKPVVSTQLLLNGSLAEEEIIIRS
ENLTNNAKTIIVHLNKSVEINCTRPSNGGSGSGGDIRKAYCEINGTKWNKVLKQVTEKLKEHFNNKTIIFQPPSGGDLEI
TMHSFNCRGEFFYCNTTQLFNNTCIGNETMKGCNGTITLPCKIKQIINMWQGTGQAMYAPPIDGKINCVSNITGILLTRD
GGANNTSNETFRPGGGDMRDNWRSELYKYKVVQIE
;
_entity_poly.pdbx_strand_id   A
#
loop_
_chem_comp.id
_chem_comp.type
_chem_comp.name
_chem_comp.formula
A1ATK non-polymer (3S)-1-(4-L-arginylpiperazine-1-carbonyl)-N-(4-chloro-3-fluorophenyl)piperidine-3-carboxamide 'C23 H34 Cl F N8 O3'
EPE non-polymer '4-(2-HYDROXYETHYL)-1-PIPERAZINE ETHANESULFONIC ACID' 'C8 H18 N2 O4 S'
MPD non-polymer (4S)-2-METHYL-2,4-PENTANEDIOL 'C6 H14 O2'
NAG D-saccharide, beta linking 2-acetamido-2-deoxy-beta-D-glucopyranose 'C8 H15 N O6'
#
# COMPACT_ATOMS: atom_id res chain seq x y z
N VAL A 3 -24.94 21.82 1.52
CA VAL A 3 -25.76 20.62 1.37
C VAL A 3 -25.12 19.73 0.31
N TRP A 4 -25.15 18.42 0.55
CA TRP A 4 -24.43 17.48 -0.29
C TRP A 4 -25.08 16.11 -0.16
N LYS A 5 -24.71 15.22 -1.08
CA LYS A 5 -25.12 13.82 -0.99
C LYS A 5 -23.98 12.94 -1.49
N ASP A 6 -24.03 11.68 -1.10
CA ASP A 6 -23.05 10.70 -1.56
C ASP A 6 -23.13 10.56 -3.07
N ALA A 7 -22.00 10.81 -3.75
CA ALA A 7 -21.98 10.69 -5.20
C ALA A 7 -20.60 10.24 -5.64
N ASP A 8 -20.56 9.77 -6.89
CA ASP A 8 -19.33 9.38 -7.57
C ASP A 8 -19.21 10.24 -8.82
N THR A 9 -18.03 10.79 -9.07
CA THR A 9 -17.79 11.53 -10.29
C THR A 9 -16.39 11.20 -10.77
N THR A 10 -16.01 11.77 -11.92
CA THR A 10 -14.67 11.57 -12.44
C THR A 10 -13.73 12.56 -11.77
N LEU A 11 -12.72 12.04 -11.07
CA LEU A 11 -11.74 12.86 -10.42
C LEU A 11 -10.64 13.22 -11.40
N PHE A 12 -9.86 14.25 -11.05
CA PHE A 12 -8.61 14.55 -11.72
C PHE A 12 -7.50 14.55 -10.69
N CYS A 13 -6.26 14.53 -11.15
CA CYS A 13 -5.13 14.43 -10.24
C CYS A 13 -4.28 15.68 -10.32
N ALA A 14 -3.55 15.91 -9.24
CA ALA A 14 -2.60 17.02 -9.15
C ALA A 14 -1.31 16.48 -8.55
N SER A 15 -0.20 17.07 -8.97
CA SER A 15 1.11 16.60 -8.52
C SER A 15 2.11 17.73 -8.65
N ASP A 16 3.22 17.60 -7.93
CA ASP A 16 4.36 18.49 -8.04
C ASP A 16 5.42 17.93 -8.98
N ALA A 17 4.99 17.22 -10.02
CA ALA A 17 5.90 16.66 -11.00
C ALA A 17 6.74 17.76 -11.65
N LYS A 18 8.01 17.46 -11.86
CA LYS A 18 8.93 18.39 -12.50
C LYS A 18 8.91 18.11 -14.00
N ALA A 19 8.50 19.09 -14.79
CA ALA A 19 8.45 18.92 -16.24
C ALA A 19 9.87 18.99 -16.80
N TYR A 20 10.66 17.98 -16.45
CA TYR A 20 11.99 17.79 -17.01
C TYR A 20 12.43 16.36 -16.69
N GLU A 21 11.93 15.83 -15.57
CA GLU A 21 12.44 14.59 -15.02
C GLU A 21 12.00 13.41 -15.86
N THR A 22 12.92 12.47 -16.10
CA THR A 22 12.55 11.26 -16.81
C THR A 22 11.98 10.18 -15.90
N GLU A 23 12.01 10.39 -14.58
CA GLU A 23 11.41 9.44 -13.67
C GLU A 23 9.94 9.25 -14.03
N VAL A 24 9.51 7.99 -14.05
CA VAL A 24 8.29 7.63 -14.76
C VAL A 24 7.04 8.24 -14.13
N HIS A 25 6.99 8.35 -12.79
CA HIS A 25 5.80 8.94 -12.19
C HIS A 25 5.77 10.44 -12.46
N ASN A 26 6.95 11.09 -12.51
CA ASN A 26 6.99 12.50 -12.90
C ASN A 26 6.51 12.71 -14.31
N VAL A 27 6.95 11.86 -15.24
CA VAL A 27 6.54 11.97 -16.63
C VAL A 27 5.03 11.76 -16.75
N TRP A 28 4.51 10.74 -16.05
CA TRP A 28 3.07 10.47 -16.09
C TRP A 28 2.28 11.61 -15.46
N ALA A 29 2.72 12.08 -14.28
CA ALA A 29 2.01 13.16 -13.61
C ALA A 29 2.09 14.47 -14.41
N THR A 30 3.16 14.63 -15.20
CA THR A 30 3.32 15.87 -15.96
C THR A 30 2.23 16.01 -17.03
N HIS A 31 1.82 14.90 -17.65
CA HIS A 31 0.84 14.92 -18.72
C HIS A 31 -0.55 14.48 -18.30
N ALA A 32 -0.67 13.75 -17.18
CA ALA A 32 -1.97 13.24 -16.74
C ALA A 32 -2.55 14.01 -15.56
N CYS A 33 -1.77 14.86 -14.90
CA CYS A 33 -2.23 15.61 -13.74
C CYS A 33 -1.97 17.09 -13.98
N VAL A 34 -2.63 17.92 -13.18
CA VAL A 34 -2.44 19.37 -13.23
C VAL A 34 -1.46 19.73 -12.12
N PRO A 35 -0.92 20.95 -12.08
CA PRO A 35 -0.13 21.36 -10.91
C PRO A 35 -0.98 21.28 -9.64
N THR A 36 -0.30 21.03 -8.51
CA THR A 36 -1.01 21.01 -7.24
C THR A 36 -1.56 22.40 -6.92
N ASP A 37 -2.70 22.41 -6.24
CA ASP A 37 -3.28 23.66 -5.77
C ASP A 37 -2.22 24.40 -4.96
N PRO A 38 -1.80 25.60 -5.37
CA PRO A 38 -0.84 26.37 -4.57
C PRO A 38 -1.46 27.00 -3.33
N ASN A 39 -2.79 27.17 -3.32
CA ASN A 39 -3.52 27.78 -2.22
C ASN A 39 -4.63 26.85 -1.74
N PRO A 40 -4.28 25.70 -1.17
CA PRO A 40 -5.31 24.79 -0.65
C PRO A 40 -5.77 25.23 0.73
N GLN A 41 -7.06 25.07 0.98
CA GLN A 41 -7.61 25.42 2.29
C GLN A 41 -8.83 24.54 2.52
N GLU A 42 -8.74 23.63 3.49
CA GLU A 42 -9.89 22.82 3.85
C GLU A 42 -10.93 23.66 4.58
N ILE A 43 -12.17 23.17 4.61
CA ILE A 43 -13.28 23.87 5.24
C ILE A 43 -13.87 22.95 6.30
N HIS A 44 -13.68 23.31 7.58
CA HIS A 44 -14.27 22.51 8.64
C HIS A 44 -15.79 22.52 8.53
N LEU A 45 -16.38 21.35 8.74
CA LEU A 45 -17.84 21.20 8.71
C LEU A 45 -18.31 21.18 10.16
N GLU A 46 -18.44 22.38 10.73
CA GLU A 46 -18.76 22.54 12.15
C GLU A 46 -19.96 21.69 12.53
N ASN A 47 -19.73 20.76 13.47
CA ASN A 47 -20.75 19.85 14.00
C ASN A 47 -21.33 18.91 12.96
N VAL A 48 -20.55 18.54 11.94
CA VAL A 48 -21.03 17.62 10.92
C VAL A 48 -20.47 16.24 11.20
N THR A 49 -21.37 15.27 11.35
CA THR A 49 -21.02 13.86 11.47
C THR A 49 -21.37 13.18 10.16
N GLU A 50 -20.38 12.54 9.54
CA GLU A 50 -20.56 11.90 8.24
C GLU A 50 -20.01 10.49 8.26
N ASN A 51 -20.72 9.59 7.60
CA ASN A 51 -20.32 8.19 7.51
C ASN A 51 -19.33 8.02 6.36
N PHE A 52 -18.33 7.19 6.58
CA PHE A 52 -17.33 6.89 5.57
C PHE A 52 -17.26 5.37 5.41
N ASN A 53 -16.77 4.92 4.24
CA ASN A 53 -16.53 3.50 4.04
C ASN A 53 -15.32 3.38 3.11
N MET A 54 -14.15 3.11 3.71
CA MET A 54 -12.92 2.96 2.93
C MET A 54 -12.93 1.70 2.10
N TRP A 55 -13.74 0.70 2.48
CA TRP A 55 -13.82 -0.57 1.79
C TRP A 55 -14.81 -0.53 0.63
N LYS A 56 -15.57 0.55 0.50
CA LYS A 56 -16.51 0.77 -0.60
C LYS A 56 -16.40 2.26 -0.95
N ASN A 57 -15.35 2.61 -1.71
CA ASN A 57 -15.01 3.99 -1.97
C ASN A 57 -14.57 4.06 -3.42
N ASN A 58 -15.28 4.83 -4.25
CA ASN A 58 -14.94 4.90 -5.68
C ASN A 58 -13.58 5.52 -5.92
N MET A 59 -13.12 6.38 -5.00
CA MET A 59 -11.80 6.98 -5.12
C MET A 59 -10.72 5.91 -5.28
N VAL A 60 -10.82 4.84 -4.48
CA VAL A 60 -9.84 3.76 -4.53
C VAL A 60 -9.78 3.16 -5.93
N GLU A 61 -10.94 2.89 -6.53
CA GLU A 61 -10.96 2.34 -7.89
C GLU A 61 -10.38 3.33 -8.88
N GLN A 62 -10.65 4.64 -8.68
CA GLN A 62 -10.14 5.66 -9.58
C GLN A 62 -8.63 5.85 -9.43
N MET A 63 -8.10 5.68 -8.22
CA MET A 63 -6.65 5.68 -8.09
C MET A 63 -6.06 4.41 -8.70
N HIS A 64 -6.77 3.30 -8.55
CA HIS A 64 -6.29 2.03 -9.08
C HIS A 64 -6.12 2.09 -10.59
N GLU A 65 -7.13 2.65 -11.29
CA GLU A 65 -7.02 2.81 -12.74
C GLU A 65 -5.85 3.72 -13.12
N ASP A 66 -5.59 4.75 -12.31
CA ASP A 66 -4.45 5.64 -12.59
C ASP A 66 -3.14 4.88 -12.49
N ILE A 67 -2.93 4.15 -11.41
CA ILE A 67 -1.65 3.47 -11.22
C ILE A 67 -1.49 2.35 -12.24
N ILE A 68 -2.60 1.70 -12.61
CA ILE A 68 -2.55 0.75 -13.72
C ILE A 68 -2.09 1.46 -14.98
N SER A 69 -2.73 2.59 -15.31
CA SER A 69 -2.31 3.37 -16.47
C SER A 69 -0.86 3.85 -16.32
N LEU A 70 -0.48 4.30 -15.12
CA LEU A 70 0.90 4.78 -14.91
C LEU A 70 1.92 3.69 -15.20
N TRP A 71 1.76 2.51 -14.57
CA TRP A 71 2.74 1.45 -14.77
C TRP A 71 2.72 0.94 -16.20
N ASP A 72 1.53 0.85 -16.80
CA ASP A 72 1.45 0.40 -18.19
C ASP A 72 2.20 1.33 -19.12
N GLN A 73 2.16 2.65 -18.85
CA GLN A 73 2.90 3.59 -19.67
C GLN A 73 4.38 3.64 -19.35
N SER A 74 4.78 3.11 -18.20
CA SER A 74 6.10 3.36 -17.63
C SER A 74 6.91 2.09 -17.42
N LEU A 75 6.33 1.09 -16.75
CA LEU A 75 7.02 -0.14 -16.38
C LEU A 75 6.66 -1.23 -17.39
N GLN A 76 7.35 -1.16 -18.53
CA GLN A 76 7.00 -1.96 -19.68
C GLN A 76 7.80 -3.25 -19.65
N PRO A 77 7.16 -4.42 -19.62
CA PRO A 77 7.94 -5.65 -19.68
C PRO A 77 8.38 -5.95 -21.11
N CYS A 78 9.55 -6.61 -21.21
CA CYS A 78 10.00 -7.12 -22.50
C CYS A 78 8.98 -8.07 -23.09
N VAL A 79 8.35 -8.88 -22.24
CA VAL A 79 7.39 -9.87 -22.67
C VAL A 79 6.21 -9.85 -21.69
N LYS A 80 5.01 -9.86 -22.24
CA LYS A 80 3.79 -10.02 -21.46
C LYS A 80 3.09 -11.27 -21.96
N LEU A 81 2.62 -12.11 -21.04
CA LEU A 81 1.91 -13.32 -21.41
C LEU A 81 0.40 -13.16 -21.21
N THR A 82 -0.09 -11.92 -21.21
CA THR A 82 -1.49 -11.58 -21.05
C THR A 82 -2.41 -12.46 -21.88
N GLY A 83 -3.16 -13.34 -21.22
CA GLY A 83 -4.21 -14.08 -21.89
C GLY A 83 -3.75 -15.11 -22.90
N GLY A 84 -2.47 -15.46 -22.87
CA GLY A 84 -1.90 -16.35 -23.86
C GLY A 84 -1.38 -15.67 -25.10
N SER A 85 -1.60 -14.37 -25.27
CA SER A 85 -1.19 -13.66 -26.47
C SER A 85 0.13 -12.93 -26.23
N VAL A 86 1.20 -13.71 -26.20
CA VAL A 86 2.51 -13.22 -25.80
C VAL A 86 2.90 -12.04 -26.68
N ILE A 87 3.57 -11.04 -26.10
CA ILE A 87 3.99 -9.86 -26.83
C ILE A 87 5.39 -9.46 -26.37
N LYS A 88 6.29 -9.25 -27.34
CA LYS A 88 7.69 -8.92 -27.12
C LYS A 88 7.90 -7.47 -27.54
N GLN A 89 8.06 -6.57 -26.58
CA GLN A 89 8.12 -5.15 -26.87
C GLN A 89 9.41 -4.56 -26.28
N ALA A 90 9.52 -3.25 -26.37
CA ALA A 90 10.63 -2.54 -25.75
C ALA A 90 10.50 -2.59 -24.25
N CYS A 91 11.62 -2.79 -23.56
CA CYS A 91 11.67 -2.76 -22.09
C CYS A 91 12.94 -2.06 -21.63
N PRO A 92 13.11 -0.77 -21.96
CA PRO A 92 14.30 -0.07 -21.46
C PRO A 92 14.26 0.05 -19.94
N LYS A 93 15.45 0.06 -19.34
CA LYS A 93 15.53 0.29 -17.91
C LYS A 93 15.19 1.75 -17.64
N ILE A 94 14.37 1.99 -16.62
CA ILE A 94 13.79 3.31 -16.40
C ILE A 94 14.24 3.83 -15.04
N SER A 95 13.95 5.11 -14.81
CA SER A 95 14.02 5.70 -13.48
C SER A 95 12.65 5.60 -12.84
N PHE A 96 12.59 5.04 -11.63
CA PHE A 96 11.32 4.70 -10.97
C PHE A 96 11.43 5.03 -9.49
N ASP A 97 10.61 5.97 -9.03
CA ASP A 97 10.59 6.39 -7.63
C ASP A 97 9.30 7.13 -7.30
N PRO A 98 8.32 6.49 -6.66
CA PRO A 98 6.97 7.06 -6.59
C PRO A 98 6.95 8.49 -6.04
N ILE A 99 6.08 9.32 -6.60
CA ILE A 99 5.87 10.69 -6.13
C ILE A 99 4.43 10.78 -5.62
N PRO A 100 4.15 11.76 -4.77
CA PRO A 100 2.76 11.95 -4.30
C PRO A 100 1.81 12.38 -5.42
N ILE A 101 0.63 11.76 -5.42
CA ILE A 101 -0.46 12.10 -6.33
C ILE A 101 -1.62 12.61 -5.48
N HIS A 102 -2.26 13.69 -5.92
CA HIS A 102 -3.42 14.23 -5.25
C HIS A 102 -4.65 13.89 -6.09
N TYR A 103 -5.74 13.51 -5.43
CA TYR A 103 -7.00 13.29 -6.12
C TYR A 103 -7.97 14.41 -5.80
N CYS A 104 -8.54 14.99 -6.86
CA CYS A 104 -9.32 16.22 -6.78
C CYS A 104 -10.64 16.04 -7.50
N THR A 105 -11.68 16.70 -6.98
CA THR A 105 -13.03 16.69 -7.53
C THR A 105 -13.21 17.81 -8.56
N PRO A 106 -14.09 17.63 -9.53
CA PRO A 106 -14.45 18.73 -10.43
C PRO A 106 -15.40 19.69 -9.72
N ALA A 107 -15.70 20.78 -10.40
CA ALA A 107 -16.67 21.74 -9.88
C ALA A 107 -18.01 21.05 -9.65
N GLY A 108 -18.68 21.40 -8.55
CA GLY A 108 -19.94 20.80 -8.19
C GLY A 108 -19.84 19.62 -7.24
N TYR A 109 -18.62 19.21 -6.90
CA TYR A 109 -18.37 18.12 -5.97
C TYR A 109 -17.27 18.56 -5.02
N VAL A 110 -17.19 17.92 -3.86
CA VAL A 110 -16.05 18.12 -2.96
C VAL A 110 -15.67 16.80 -2.32
N ILE A 111 -14.52 16.80 -1.66
CA ILE A 111 -14.00 15.64 -0.96
C ILE A 111 -14.19 15.87 0.54
N LEU A 112 -14.87 14.93 1.19
CA LEU A 112 -15.07 15.00 2.63
C LEU A 112 -13.96 14.21 3.31
N LYS A 113 -13.31 14.82 4.29
CA LYS A 113 -12.12 14.27 4.91
C LYS A 113 -12.41 13.98 6.38
N CYS A 114 -12.10 12.75 6.81
CA CYS A 114 -12.31 12.33 8.19
C CYS A 114 -11.07 12.63 9.00
N ASN A 115 -11.18 13.56 9.95
CA ASN A 115 -10.06 13.98 10.76
C ASN A 115 -10.05 13.37 12.15
N ASP A 116 -10.99 12.46 12.45
CA ASP A 116 -10.91 11.67 13.67
C ASP A 116 -9.61 10.88 13.68
N LYS A 117 -8.79 11.09 14.71
CA LYS A 117 -7.48 10.45 14.75
C LYS A 117 -7.57 8.96 14.99
N ASN A 118 -8.70 8.45 15.49
CA ASN A 118 -8.88 7.02 15.72
C ASN A 118 -9.76 6.37 14.66
N PHE A 119 -10.10 7.10 13.60
CA PHE A 119 -11.01 6.58 12.59
C PHE A 119 -10.45 5.30 11.98
N ASN A 120 -11.26 4.25 11.99
CA ASN A 120 -10.82 2.94 11.54
C ASN A 120 -11.15 2.65 10.09
N GLY A 121 -11.86 3.56 9.41
CA GLY A 121 -12.14 3.45 8.00
C GLY A 121 -13.60 3.28 7.64
N THR A 122 -14.43 2.73 8.54
CA THR A 122 -15.84 2.52 8.25
C THR A 122 -16.71 3.16 9.32
N GLY A 123 -17.84 3.72 8.88
CA GLY A 123 -18.82 4.24 9.78
C GLY A 123 -18.71 5.73 10.03
N PRO A 124 -19.19 6.17 11.19
CA PRO A 124 -19.31 7.61 11.43
C PRO A 124 -17.98 8.27 11.73
N CYS A 125 -17.82 9.47 11.18
CA CYS A 125 -16.72 10.36 11.48
C CYS A 125 -17.30 11.65 12.04
N LYS A 126 -16.76 12.10 13.17
CA LYS A 126 -17.35 13.24 13.86
C LYS A 126 -16.63 14.56 13.56
N ASN A 127 -15.39 14.51 13.09
CA ASN A 127 -14.60 15.70 12.79
C ASN A 127 -14.36 15.73 11.29
N VAL A 128 -15.35 16.23 10.55
CA VAL A 128 -15.32 16.21 9.09
C VAL A 128 -14.96 17.60 8.58
N SER A 129 -14.07 17.64 7.59
CA SER A 129 -13.77 18.84 6.83
C SER A 129 -14.01 18.56 5.36
N SER A 130 -14.08 19.62 4.57
CA SER A 130 -14.22 19.52 3.12
C SER A 130 -12.93 20.02 2.47
N VAL A 131 -12.48 19.30 1.43
CA VAL A 131 -11.26 19.65 0.72
C VAL A 131 -11.52 19.56 -0.77
N GLN A 132 -10.69 20.29 -1.53
CA GLN A 132 -10.71 20.19 -2.98
C GLN A 132 -9.91 19.00 -3.49
N CYS A 133 -8.82 18.68 -2.81
CA CYS A 133 -7.93 17.60 -3.19
C CYS A 133 -7.51 16.81 -1.97
N THR A 134 -7.17 15.55 -2.19
CA THR A 134 -6.52 14.78 -1.15
C THR A 134 -5.10 15.31 -0.93
N HIS A 135 -4.44 14.81 0.11
CA HIS A 135 -3.02 15.06 0.22
C HIS A 135 -2.28 14.21 -0.82
N GLY A 136 -0.98 14.46 -0.92
CA GLY A 136 -0.16 13.71 -1.86
C GLY A 136 0.05 12.28 -1.42
N ILE A 137 -0.50 11.33 -2.18
CA ILE A 137 -0.38 9.91 -1.88
C ILE A 137 0.64 9.30 -2.84
N LYS A 138 1.65 8.65 -2.27
CA LYS A 138 2.61 7.87 -3.06
C LYS A 138 1.99 6.54 -3.47
N PRO A 139 1.95 6.22 -4.75
CA PRO A 139 1.38 4.93 -5.18
C PRO A 139 2.37 3.76 -5.08
N VAL A 140 2.65 3.35 -3.85
CA VAL A 140 3.67 2.35 -3.60
C VAL A 140 3.05 0.96 -3.72
N VAL A 141 3.49 0.22 -4.72
CA VAL A 141 3.01 -1.14 -4.95
C VAL A 141 3.81 -2.10 -4.08
N SER A 142 3.11 -2.93 -3.30
CA SER A 142 3.78 -3.91 -2.46
C SER A 142 2.78 -4.95 -1.97
N THR A 143 3.31 -6.02 -1.40
CA THR A 143 2.53 -7.01 -0.69
C THR A 143 3.06 -7.15 0.73
N GLN A 144 2.21 -7.68 1.61
CA GLN A 144 2.51 -7.90 3.03
C GLN A 144 2.79 -6.63 3.80
N LEU A 145 3.76 -5.84 3.37
CA LEU A 145 4.16 -4.64 4.08
C LEU A 145 3.81 -3.41 3.26
N LEU A 146 3.10 -2.48 3.87
CA LEU A 146 2.77 -1.22 3.23
C LEU A 146 3.91 -0.25 3.47
N LEU A 147 4.46 0.31 2.38
CA LEU A 147 5.69 1.06 2.43
C LEU A 147 5.45 2.53 2.12
N ASN A 148 6.21 3.39 2.82
CA ASN A 148 6.27 4.82 2.52
C ASN A 148 4.92 5.51 2.63
N GLY A 149 4.01 4.96 3.40
CA GLY A 149 2.70 5.54 3.57
C GLY A 149 2.66 6.55 4.69
N SER A 150 1.45 6.93 5.06
CA SER A 150 1.22 7.69 6.27
C SER A 150 1.15 6.75 7.46
N LEU A 151 1.28 7.32 8.65
CA LEU A 151 1.18 6.58 9.89
C LEU A 151 -0.12 6.93 10.58
N ALA A 152 -0.62 5.99 11.37
CA ALA A 152 -1.80 6.25 12.19
C ALA A 152 -1.44 7.30 13.23
N GLU A 153 -2.38 8.21 13.52
CA GLU A 153 -2.03 9.37 14.32
C GLU A 153 -1.89 9.03 15.81
N GLU A 154 -2.75 8.15 16.34
CA GLU A 154 -2.70 7.82 17.75
C GLU A 154 -2.25 6.37 17.90
N GLU A 155 -3.18 5.43 18.05
CA GLU A 155 -2.86 4.04 18.27
C GLU A 155 -2.71 3.32 16.94
N ILE A 156 -2.21 2.09 17.00
CA ILE A 156 -2.25 1.22 15.83
C ILE A 156 -3.71 0.95 15.49
N ILE A 157 -4.09 1.17 14.24
CA ILE A 157 -5.47 1.03 13.80
C ILE A 157 -5.62 -0.26 13.01
N ILE A 158 -6.66 -1.03 13.34
CA ILE A 158 -7.04 -2.22 12.60
C ILE A 158 -8.16 -1.82 11.64
N ARG A 159 -7.96 -2.08 10.35
CA ARG A 159 -8.97 -1.78 9.34
C ARG A 159 -9.39 -3.07 8.65
N SER A 160 -10.69 -3.27 8.55
CA SER A 160 -11.27 -4.41 7.83
C SER A 160 -12.73 -4.12 7.55
N GLU A 161 -13.21 -4.54 6.38
CA GLU A 161 -14.62 -4.41 6.05
C GLU A 161 -15.50 -5.11 7.08
N ASN A 162 -14.98 -6.15 7.73
CA ASN A 162 -15.72 -6.95 8.68
C ASN A 162 -14.75 -7.92 9.33
N LEU A 163 -14.24 -7.52 10.50
CA LEU A 163 -13.24 -8.30 11.21
C LEU A 163 -13.70 -9.73 11.42
N THR A 164 -15.00 -9.92 11.67
CA THR A 164 -15.54 -11.24 11.93
C THR A 164 -15.43 -12.14 10.71
N ASN A 165 -15.42 -11.57 9.51
CA ASN A 165 -15.25 -12.34 8.28
C ASN A 165 -13.76 -12.52 8.02
N ASN A 166 -13.28 -13.78 8.09
CA ASN A 166 -11.86 -14.04 7.93
C ASN A 166 -11.40 -13.87 6.49
N ALA A 167 -12.32 -13.83 5.52
CA ALA A 167 -11.93 -13.60 4.14
C ALA A 167 -11.64 -12.13 3.86
N LYS A 168 -12.05 -11.23 4.75
CA LYS A 168 -11.83 -9.81 4.53
C LYS A 168 -10.43 -9.43 5.03
N THR A 169 -9.68 -8.75 4.17
CA THR A 169 -8.29 -8.43 4.46
C THR A 169 -8.20 -7.40 5.58
N ILE A 170 -7.18 -7.54 6.41
CA ILE A 170 -6.92 -6.62 7.52
C ILE A 170 -5.79 -5.69 7.11
N ILE A 171 -6.01 -4.38 7.26
CA ILE A 171 -4.96 -3.39 7.09
C ILE A 171 -4.58 -2.89 8.46
N VAL A 172 -3.35 -3.21 8.88
CA VAL A 172 -2.78 -2.67 10.10
C VAL A 172 -2.14 -1.34 9.75
N HIS A 173 -2.64 -0.26 10.34
CA HIS A 173 -2.04 1.06 10.17
C HIS A 173 -1.17 1.33 11.40
N LEU A 174 0.15 1.30 11.19
CA LEU A 174 1.09 1.50 12.29
C LEU A 174 1.14 2.98 12.65
N ASN A 175 1.42 3.25 13.93
CA ASN A 175 1.64 4.62 14.38
C ASN A 175 3.11 4.98 14.48
N LYS A 176 3.98 4.00 14.27
CA LYS A 176 5.43 4.19 14.26
C LYS A 176 5.99 3.37 13.11
N SER A 177 6.74 4.02 12.22
CA SER A 177 7.27 3.30 11.08
C SER A 177 8.49 2.46 11.48
N VAL A 178 8.70 1.38 10.74
CA VAL A 178 9.84 0.51 10.92
C VAL A 178 10.62 0.48 9.61
N GLU A 179 11.85 0.96 9.65
CA GLU A 179 12.66 1.05 8.44
C GLU A 179 12.97 -0.34 7.90
N ILE A 180 13.00 -0.46 6.57
CA ILE A 180 13.42 -1.70 5.91
C ILE A 180 14.38 -1.30 4.79
N ASN A 181 15.64 -1.71 4.93
CA ASN A 181 16.72 -1.23 4.07
C ASN A 181 17.14 -2.39 3.17
N CYS A 182 16.79 -2.27 1.88
CA CYS A 182 16.93 -3.36 0.93
C CYS A 182 18.02 -3.03 -0.08
N THR A 183 18.93 -3.98 -0.30
CA THR A 183 20.08 -3.73 -1.15
C THR A 183 20.37 -4.93 -2.02
N ARG A 184 20.55 -4.69 -3.32
CA ARG A 184 21.20 -5.65 -4.19
C ARG A 184 22.62 -5.11 -4.36
N PRO A 185 23.63 -5.71 -3.73
CA PRO A 185 24.98 -5.16 -3.80
C PRO A 185 25.56 -5.22 -5.22
N SER A 186 26.53 -4.35 -5.47
CA SER A 186 27.04 -4.13 -6.81
C SER A 186 27.87 -5.34 -7.30
N ASN A 187 28.08 -5.37 -8.61
CA ASN A 187 28.88 -6.40 -9.30
C ASN A 187 28.25 -7.78 -9.28
N ASP A 195 25.63 -13.94 -7.67
CA ASP A 195 24.22 -14.01 -8.03
C ASP A 195 23.63 -12.62 -8.05
N ILE A 196 23.55 -12.01 -9.24
CA ILE A 196 23.13 -10.62 -9.36
C ILE A 196 21.68 -10.41 -8.94
N ARG A 197 20.90 -11.48 -8.76
CA ARG A 197 19.53 -11.34 -8.30
C ARG A 197 19.40 -11.48 -6.80
N LYS A 198 20.44 -11.93 -6.11
CA LYS A 198 20.39 -12.06 -4.66
C LYS A 198 20.45 -10.68 -4.02
N ALA A 199 19.52 -10.42 -3.11
CA ALA A 199 19.49 -9.15 -2.39
C ALA A 199 19.06 -9.46 -0.96
N TYR A 200 18.98 -8.42 -0.14
CA TYR A 200 18.56 -8.62 1.23
C TYR A 200 18.01 -7.32 1.77
N CYS A 201 17.06 -7.43 2.70
CA CYS A 201 16.53 -6.28 3.42
C CYS A 201 16.95 -6.38 4.87
N GLU A 202 17.52 -5.30 5.39
CA GLU A 202 17.91 -5.23 6.79
C GLU A 202 16.80 -4.53 7.56
N ILE A 203 16.40 -5.12 8.67
CA ILE A 203 15.39 -4.57 9.55
C ILE A 203 15.90 -4.68 10.98
N ASN A 204 15.72 -3.62 11.75
CA ASN A 204 16.18 -3.64 13.12
C ASN A 204 15.21 -4.51 13.92
N GLY A 205 15.69 -5.66 14.40
CA GLY A 205 14.82 -6.60 15.06
C GLY A 205 14.24 -6.09 16.36
N THR A 206 14.98 -5.20 17.05
CA THR A 206 14.44 -4.58 18.26
C THR A 206 13.17 -3.82 17.95
N LYS A 207 13.23 -2.92 16.98
CA LYS A 207 12.07 -2.14 16.56
C LYS A 207 10.93 -3.05 16.10
N TRP A 208 11.21 -3.91 15.13
CA TRP A 208 10.14 -4.73 14.53
C TRP A 208 9.37 -5.54 15.57
N ASN A 209 10.09 -6.23 16.44
CA ASN A 209 9.43 -7.10 17.41
C ASN A 209 8.66 -6.29 18.43
N LYS A 210 9.11 -5.06 18.68
CA LYS A 210 8.34 -4.13 19.50
C LYS A 210 7.02 -3.79 18.83
N VAL A 211 7.10 -3.34 17.57
CA VAL A 211 5.91 -2.98 16.81
C VAL A 211 5.02 -4.20 16.60
N LEU A 212 5.61 -5.35 16.26
CA LEU A 212 4.81 -6.56 16.09
C LEU A 212 4.10 -6.93 17.40
N LYS A 213 4.79 -6.76 18.53
CA LYS A 213 4.14 -7.03 19.81
C LYS A 213 2.96 -6.10 20.03
N GLN A 214 3.11 -4.82 19.68
CA GLN A 214 2.01 -3.88 19.79
C GLN A 214 0.86 -4.27 18.87
N VAL A 215 1.18 -4.80 17.68
CA VAL A 215 0.14 -5.26 16.77
C VAL A 215 -0.63 -6.43 17.37
N THR A 216 0.08 -7.39 17.96
CA THR A 216 -0.58 -8.49 18.65
C THR A 216 -1.53 -7.96 19.71
N GLU A 217 -1.09 -6.95 20.47
CA GLU A 217 -1.91 -6.40 21.53
C GLU A 217 -3.09 -5.60 20.98
N LYS A 218 -2.91 -4.95 19.81
CA LYS A 218 -4.06 -4.31 19.21
C LYS A 218 -5.07 -5.35 18.72
N LEU A 219 -4.56 -6.40 18.07
CA LEU A 219 -5.42 -7.46 17.57
C LEU A 219 -6.18 -8.13 18.70
N LYS A 220 -5.53 -8.28 19.88
CA LYS A 220 -6.19 -8.85 21.05
C LYS A 220 -7.47 -8.11 21.40
N GLU A 221 -7.43 -6.78 21.32
CA GLU A 221 -8.60 -5.97 21.64
C GLU A 221 -9.78 -6.30 20.73
N HIS A 222 -9.49 -6.69 19.49
CA HIS A 222 -10.53 -7.05 18.54
C HIS A 222 -10.92 -8.52 18.57
N PHE A 223 -10.09 -9.38 19.15
CA PHE A 223 -10.40 -10.81 19.13
C PHE A 223 -10.43 -11.41 20.53
N ASN A 224 -11.17 -10.74 21.41
CA ASN A 224 -11.61 -11.33 22.68
C ASN A 224 -10.42 -11.82 23.51
N ASN A 225 -9.28 -11.15 23.35
CA ASN A 225 -8.08 -11.48 24.12
C ASN A 225 -7.64 -12.92 23.84
N LYS A 226 -7.94 -13.39 22.64
CA LYS A 226 -7.48 -14.68 22.16
C LYS A 226 -5.98 -14.61 21.87
N THR A 227 -5.33 -15.78 21.94
CA THR A 227 -3.92 -15.85 21.62
C THR A 227 -3.70 -15.50 20.15
N ILE A 228 -2.88 -14.49 19.90
CA ILE A 228 -2.61 -14.01 18.56
C ILE A 228 -1.32 -14.66 18.07
N ILE A 229 -1.42 -15.46 17.01
CA ILE A 229 -0.27 -16.13 16.42
C ILE A 229 -0.05 -15.58 15.02
N PHE A 230 1.21 -15.36 14.67
CA PHE A 230 1.60 -14.97 13.31
C PHE A 230 2.28 -16.16 12.64
N GLN A 231 2.00 -16.34 11.35
CA GLN A 231 2.61 -17.42 10.60
C GLN A 231 2.87 -16.93 9.18
N PRO A 232 3.79 -17.58 8.47
CA PRO A 232 4.00 -17.24 7.06
C PRO A 232 2.76 -17.54 6.24
N PRO A 233 2.62 -16.94 5.06
CA PRO A 233 1.46 -17.24 4.21
C PRO A 233 1.39 -18.73 3.90
N SER A 234 0.17 -19.26 3.90
CA SER A 234 -0.05 -20.69 3.64
C SER A 234 -0.41 -20.85 2.16
N GLY A 235 0.62 -20.88 1.33
CA GLY A 235 0.44 -21.10 -0.09
C GLY A 235 0.10 -19.83 -0.85
N GLY A 236 0.29 -19.90 -2.16
CA GLY A 236 0.01 -18.79 -3.04
C GLY A 236 1.23 -18.45 -3.86
N ASP A 237 1.07 -17.43 -4.70
CA ASP A 237 2.14 -17.00 -5.58
C ASP A 237 3.23 -16.27 -4.81
N LEU A 238 4.43 -16.26 -5.38
CA LEU A 238 5.59 -15.65 -4.72
C LEU A 238 5.36 -14.18 -4.40
N GLU A 239 4.55 -13.49 -5.20
CA GLU A 239 4.31 -12.07 -4.96
C GLU A 239 3.66 -11.84 -3.60
N ILE A 240 2.84 -12.78 -3.14
CA ILE A 240 2.15 -12.64 -1.86
C ILE A 240 2.78 -13.47 -0.75
N THR A 241 3.43 -14.59 -1.07
CA THR A 241 4.12 -15.35 -0.03
C THR A 241 5.42 -14.66 0.38
N MET A 242 5.99 -13.86 -0.51
CA MET A 242 7.12 -12.97 -0.20
C MET A 242 6.59 -11.56 -0.03
N HIS A 243 7.42 -10.70 0.56
CA HIS A 243 7.15 -9.27 0.56
C HIS A 243 7.70 -8.74 -0.75
N SER A 244 6.80 -8.39 -1.68
CA SER A 244 7.16 -7.96 -3.02
C SER A 244 7.02 -6.46 -3.12
N PHE A 245 7.93 -5.84 -3.86
CA PHE A 245 7.90 -4.40 -4.08
C PHE A 245 8.82 -4.10 -5.25
N ASN A 246 8.71 -2.89 -5.77
CA ASN A 246 9.59 -2.41 -6.83
C ASN A 246 10.56 -1.40 -6.25
N CYS A 247 11.85 -1.66 -6.46
CA CYS A 247 12.91 -0.78 -6.01
C CYS A 247 13.71 -0.34 -7.22
N ARG A 248 13.63 0.96 -7.54
CA ARG A 248 14.37 1.54 -8.66
C ARG A 248 14.08 0.84 -9.98
N GLY A 249 12.84 0.36 -10.14
CA GLY A 249 12.46 -0.38 -11.33
C GLY A 249 12.58 -1.89 -11.21
N GLU A 250 13.26 -2.38 -10.19
CA GLU A 250 13.53 -3.81 -10.04
C GLU A 250 12.55 -4.42 -9.06
N PHE A 251 12.04 -5.60 -9.39
CA PHE A 251 11.07 -6.28 -8.54
C PHE A 251 11.79 -7.12 -7.50
N PHE A 252 11.69 -6.71 -6.25
CA PHE A 252 12.28 -7.43 -5.12
C PHE A 252 11.24 -8.37 -4.53
N TYR A 253 11.69 -9.55 -4.12
CA TYR A 253 10.85 -10.54 -3.46
C TYR A 253 11.59 -10.97 -2.21
N CYS A 254 11.04 -10.64 -1.04
CA CYS A 254 11.76 -10.82 0.22
C CYS A 254 11.02 -11.77 1.15
N ASN A 255 11.76 -12.76 1.64
CA ASN A 255 11.21 -13.76 2.55
C ASN A 255 11.05 -13.14 3.94
N THR A 256 9.81 -13.07 4.43
CA THR A 256 9.49 -12.44 5.70
C THR A 256 9.20 -13.46 6.80
N THR A 257 9.65 -14.71 6.64
CA THR A 257 9.46 -15.71 7.67
C THR A 257 10.09 -15.26 8.99
N GLN A 258 11.26 -14.61 8.89
CA GLN A 258 11.94 -14.09 10.07
C GLN A 258 11.16 -12.97 10.74
N LEU A 259 10.24 -12.33 10.02
CA LEU A 259 9.40 -11.30 10.61
C LEU A 259 8.16 -11.89 11.26
N PHE A 260 7.51 -12.83 10.57
CA PHE A 260 6.21 -13.36 10.98
C PHE A 260 6.35 -14.69 11.71
N ASN A 261 7.41 -14.81 12.49
CA ASN A 261 7.54 -15.84 13.50
C ASN A 261 7.23 -15.21 14.84
N ASN A 262 6.62 -15.99 15.73
CA ASN A 262 6.30 -15.54 17.06
C ASN A 262 7.42 -15.85 18.04
N THR A 263 8.61 -16.13 17.53
CA THR A 263 9.80 -16.32 18.35
C THR A 263 9.87 -15.30 19.48
N CYS A 264 9.84 -14.03 19.11
CA CYS A 264 9.99 -12.90 20.00
C CYS A 264 8.70 -12.10 20.00
N GLY A 272 17.35 -13.81 23.08
CA GLY A 272 18.55 -13.84 22.27
C GLY A 272 18.30 -13.62 20.78
N CYS A 273 17.32 -12.76 20.53
CA CYS A 273 16.79 -12.44 19.20
C CYS A 273 16.38 -10.96 19.20
N ASN A 274 17.28 -10.09 18.74
CA ASN A 274 16.92 -8.67 18.66
C ASN A 274 17.89 -7.79 17.89
N GLY A 275 18.89 -8.38 17.24
CA GLY A 275 19.81 -7.62 16.40
C GLY A 275 19.18 -7.25 15.07
N THR A 276 20.02 -7.20 14.05
CA THR A 276 19.56 -6.89 12.71
C THR A 276 18.94 -8.13 12.07
N ILE A 277 17.70 -8.00 11.63
CA ILE A 277 17.03 -9.06 10.87
C ILE A 277 17.39 -8.88 9.41
N THR A 278 18.00 -9.89 8.81
CA THR A 278 18.38 -9.84 7.40
C THR A 278 17.46 -10.77 6.63
N LEU A 279 16.57 -10.19 5.82
CA LEU A 279 15.68 -11.00 5.01
C LEU A 279 16.36 -11.32 3.69
N PRO A 280 16.42 -12.58 3.28
CA PRO A 280 16.95 -12.88 1.94
C PRO A 280 15.94 -12.49 0.87
N CYS A 281 16.44 -11.82 -0.16
CA CYS A 281 15.59 -11.36 -1.24
C CYS A 281 16.13 -11.82 -2.59
N LYS A 282 15.22 -11.86 -3.56
CA LYS A 282 15.60 -12.10 -4.94
C LYS A 282 14.97 -11.03 -5.80
N ILE A 283 15.75 -10.50 -6.73
CA ILE A 283 15.20 -9.64 -7.78
C ILE A 283 14.64 -10.54 -8.86
N LYS A 284 13.34 -10.47 -9.09
CA LYS A 284 12.70 -11.38 -10.01
C LYS A 284 12.47 -10.69 -11.35
N GLN A 285 12.64 -11.46 -12.41
CA GLN A 285 12.43 -11.00 -13.77
C GLN A 285 11.03 -11.33 -14.29
N ILE A 286 10.46 -12.44 -13.84
CA ILE A 286 9.17 -12.92 -14.29
C ILE A 286 8.16 -12.63 -13.19
N ILE A 287 7.20 -11.77 -13.49
CA ILE A 287 6.33 -11.18 -12.48
C ILE A 287 4.91 -11.65 -12.73
N ASN A 288 4.19 -12.02 -11.68
CA ASN A 288 2.75 -12.15 -11.74
C ASN A 288 2.16 -10.78 -11.42
N MET A 289 1.66 -10.12 -12.46
CA MET A 289 1.38 -8.68 -12.37
C MET A 289 0.21 -8.43 -11.42
N TRP A 290 0.29 -7.30 -10.71
CA TRP A 290 -0.81 -6.93 -9.84
C TRP A 290 -1.95 -6.29 -10.62
N GLN A 291 -1.66 -5.74 -11.81
CA GLN A 291 -2.66 -5.01 -12.57
C GLN A 291 -3.84 -5.90 -12.94
N GLY A 292 -3.55 -7.16 -13.22
CA GLY A 292 -4.54 -8.07 -13.77
C GLY A 292 -3.82 -9.29 -14.26
N THR A 293 -4.60 -10.35 -14.51
CA THR A 293 -4.02 -11.65 -14.82
C THR A 293 -2.99 -11.53 -15.94
N GLY A 294 -1.82 -12.10 -15.70
CA GLY A 294 -0.73 -12.04 -16.66
C GLY A 294 0.62 -12.09 -15.98
N GLN A 295 1.56 -12.76 -16.64
CA GLN A 295 2.96 -12.78 -16.26
C GLN A 295 3.72 -11.79 -17.14
N ALA A 296 4.53 -10.93 -16.52
CA ALA A 296 5.39 -10.02 -17.24
C ALA A 296 6.85 -10.39 -16.99
N MET A 297 7.67 -10.36 -18.04
CA MET A 297 9.09 -10.67 -17.93
C MET A 297 9.91 -9.42 -18.24
N TYR A 298 10.76 -9.04 -17.29
CA TYR A 298 11.60 -7.87 -17.42
C TYR A 298 13.05 -8.30 -17.65
N ALA A 299 13.89 -7.32 -17.93
CA ALA A 299 15.30 -7.54 -18.15
C ALA A 299 16.02 -7.83 -16.82
N PRO A 300 17.21 -8.41 -16.87
CA PRO A 300 17.99 -8.61 -15.63
C PRO A 300 18.35 -7.29 -14.98
N PRO A 301 18.69 -7.30 -13.70
CA PRO A 301 18.83 -6.04 -12.96
C PRO A 301 19.90 -5.13 -13.55
N ILE A 302 19.77 -3.84 -13.22
CA ILE A 302 20.76 -2.84 -13.57
C ILE A 302 22.03 -3.16 -12.80
N ASP A 303 23.14 -2.53 -13.20
CA ASP A 303 24.38 -2.66 -12.45
C ASP A 303 24.39 -1.69 -11.27
N GLY A 304 25.29 -1.95 -10.33
CA GLY A 304 25.51 -1.08 -9.19
C GLY A 304 24.73 -1.53 -7.96
N LYS A 305 24.93 -0.77 -6.88
CA LYS A 305 24.24 -0.97 -5.62
C LYS A 305 22.79 -0.52 -5.77
N ILE A 306 21.85 -1.46 -5.79
CA ILE A 306 20.42 -1.13 -5.87
C ILE A 306 19.89 -1.06 -4.45
N ASN A 307 19.57 0.13 -3.97
CA ASN A 307 19.20 0.32 -2.58
C ASN A 307 17.94 1.15 -2.45
N CYS A 308 16.98 0.65 -1.68
CA CYS A 308 15.78 1.39 -1.31
C CYS A 308 15.60 1.30 0.20
N VAL A 309 15.57 2.45 0.86
CA VAL A 309 15.27 2.53 2.27
C VAL A 309 13.83 3.00 2.39
N SER A 310 12.95 2.12 2.88
CA SER A 310 11.53 2.41 2.96
C SER A 310 11.06 2.34 4.40
N ASN A 311 10.00 3.09 4.68
CA ASN A 311 9.29 2.99 5.95
C ASN A 311 8.20 1.94 5.83
N ILE A 312 8.22 0.96 6.71
CA ILE A 312 7.07 0.09 6.90
C ILE A 312 6.05 0.90 7.69
N THR A 313 4.92 1.20 7.06
CA THR A 313 3.88 1.98 7.73
C THR A 313 2.59 1.21 7.89
N GLY A 314 2.48 0.02 7.31
CA GLY A 314 1.28 -0.78 7.43
C GLY A 314 1.60 -2.22 7.17
N ILE A 315 0.68 -3.09 7.58
CA ILE A 315 0.80 -4.52 7.32
C ILE A 315 -0.52 -5.03 6.77
N LEU A 316 -0.45 -5.87 5.74
CA LEU A 316 -1.62 -6.52 5.16
C LEU A 316 -1.71 -7.91 5.77
N LEU A 317 -2.85 -8.22 6.40
CA LEU A 317 -3.00 -9.47 7.13
C LEU A 317 -4.27 -10.19 6.71
N THR A 318 -4.18 -11.52 6.70
CA THR A 318 -5.32 -12.39 6.51
C THR A 318 -5.39 -13.32 7.72
N ARG A 319 -6.58 -13.43 8.31
CA ARG A 319 -6.76 -14.24 9.50
C ARG A 319 -7.26 -15.62 9.13
N ASP A 320 -6.64 -16.64 9.71
CA ASP A 320 -7.03 -18.01 9.40
C ASP A 320 -8.47 -18.28 9.77
N GLY A 321 -9.13 -19.13 8.98
CA GLY A 321 -10.46 -19.57 9.30
C GLY A 321 -10.47 -20.83 10.14
N GLY A 322 -11.66 -21.17 10.64
CA GLY A 322 -11.86 -22.40 11.39
C GLY A 322 -11.13 -22.47 12.72
N ALA A 323 -11.09 -21.36 13.47
CA ALA A 323 -10.43 -21.32 14.76
C ALA A 323 -11.38 -20.89 15.88
N ASN A 324 -12.69 -20.95 15.63
CA ASN A 324 -13.67 -20.48 16.60
C ASN A 324 -13.78 -21.43 17.79
N ASN A 325 -13.49 -22.72 17.59
CA ASN A 325 -13.44 -23.69 18.67
C ASN A 325 -12.04 -23.88 19.21
N THR A 326 -11.13 -22.95 18.95
CA THR A 326 -9.79 -22.94 19.53
C THR A 326 -9.58 -21.64 20.28
N SER A 327 -8.44 -21.56 20.97
CA SER A 327 -8.09 -20.40 21.79
C SER A 327 -7.19 -19.42 21.05
N ASN A 328 -6.91 -19.66 19.77
CA ASN A 328 -5.98 -18.82 19.05
C ASN A 328 -6.60 -18.27 17.77
N GLU A 329 -6.04 -17.14 17.35
CA GLU A 329 -6.29 -16.55 16.04
C GLU A 329 -4.93 -16.42 15.38
N THR A 330 -4.77 -16.99 14.19
CA THR A 330 -3.49 -16.93 13.49
C THR A 330 -3.61 -15.99 12.30
N PHE A 331 -2.60 -15.14 12.12
CA PHE A 331 -2.62 -14.10 11.10
C PHE A 331 -1.41 -14.29 10.20
N ARG A 332 -1.63 -14.11 8.90
CA ARG A 332 -0.60 -14.30 7.90
C ARG A 332 -0.52 -13.06 7.02
N PRO A 333 0.68 -12.65 6.63
CA PRO A 333 0.80 -11.48 5.77
C PRO A 333 0.11 -11.71 4.44
N GLY A 334 -0.58 -10.67 3.96
CA GLY A 334 -1.35 -10.79 2.74
C GLY A 334 -0.94 -9.81 1.66
N GLY A 335 -1.85 -9.55 0.72
CA GLY A 335 -1.60 -8.64 -0.36
C GLY A 335 -1.98 -9.24 -1.68
N GLY A 336 -1.73 -8.48 -2.75
CA GLY A 336 -2.12 -8.88 -4.07
C GLY A 336 -3.10 -7.94 -4.72
N ASP A 337 -4.09 -7.49 -3.94
CA ASP A 337 -5.06 -6.50 -4.40
C ASP A 337 -4.53 -5.13 -4.01
N MET A 338 -3.95 -4.41 -4.98
CA MET A 338 -3.35 -3.13 -4.67
C MET A 338 -4.38 -2.07 -4.29
N ARG A 339 -5.66 -2.32 -4.54
CA ARG A 339 -6.69 -1.39 -4.07
C ARG A 339 -6.60 -1.20 -2.57
N ASP A 340 -6.24 -2.26 -1.84
CA ASP A 340 -6.04 -2.14 -0.39
C ASP A 340 -4.85 -1.25 -0.06
N ASN A 341 -3.84 -1.20 -0.94
CA ASN A 341 -2.75 -0.26 -0.74
C ASN A 341 -3.24 1.18 -0.85
N TRP A 342 -3.93 1.52 -1.94
CA TRP A 342 -4.49 2.87 -2.07
C TRP A 342 -5.51 3.13 -0.97
N ARG A 343 -6.25 2.08 -0.59
CA ARG A 343 -7.26 2.18 0.44
C ARG A 343 -6.64 2.59 1.77
N SER A 344 -5.40 2.15 2.01
CA SER A 344 -4.71 2.44 3.26
C SER A 344 -4.42 3.93 3.45
N GLU A 345 -4.45 4.69 2.36
CA GLU A 345 -4.20 6.13 2.40
C GLU A 345 -5.44 6.95 2.05
N LEU A 346 -6.34 6.39 1.25
CA LEU A 346 -7.56 7.05 0.80
C LEU A 346 -8.69 6.89 1.80
N TYR A 347 -8.48 6.14 2.87
CA TYR A 347 -9.54 5.75 3.79
C TYR A 347 -10.28 6.94 4.41
N LYS A 348 -9.61 8.08 4.56
CA LYS A 348 -10.28 9.20 5.23
C LYS A 348 -10.94 10.17 4.27
N TYR A 349 -11.02 9.84 2.98
CA TYR A 349 -11.68 10.67 1.99
C TYR A 349 -12.91 9.99 1.41
N LYS A 350 -13.84 10.82 0.93
CA LYS A 350 -15.05 10.34 0.27
C LYS A 350 -15.67 11.50 -0.51
N VAL A 351 -16.11 11.22 -1.74
CA VAL A 351 -16.60 12.24 -2.65
C VAL A 351 -18.08 12.48 -2.42
N VAL A 352 -18.47 13.75 -2.40
CA VAL A 352 -19.86 14.14 -2.28
C VAL A 352 -20.18 15.16 -3.37
N GLN A 353 -21.45 15.22 -3.73
CA GLN A 353 -21.94 16.19 -4.70
C GLN A 353 -22.55 17.38 -3.99
N ILE A 354 -22.30 18.57 -4.52
CA ILE A 354 -22.92 19.78 -3.95
C ILE A 354 -24.37 19.78 -4.44
N GLU A 355 -25.30 19.41 -3.54
CA GLU A 355 -26.73 19.36 -3.86
C GLU A 355 -27.31 20.77 -3.85
C1 NAG B . -14.93 0.78 13.15
C2 NAG B . -15.25 -0.67 13.51
C3 NAG B . -16.73 -0.95 13.30
C4 NAG B . -17.57 0.06 14.08
C5 NAG B . -17.14 1.49 13.77
C6 NAG B . -17.80 2.51 14.66
C7 NAG B . -13.33 -2.18 13.19
C8 NAG B . -12.62 -3.08 12.24
N2 NAG B . -14.44 -1.59 12.71
O3 NAG B . -17.03 -2.27 13.72
O4 NAG B . -18.94 -0.10 13.77
O5 NAG B . -15.72 1.65 13.97
O6 NAG B . -19.13 2.80 14.21
O7 NAG B . -12.93 -1.98 14.33
C1 NAG C . -10.42 18.13 13.98
C2 NAG C . -9.83 18.39 15.37
C3 NAG C . -8.29 18.45 15.34
C4 NAG C . -7.75 19.30 14.19
C5 NAG C . -8.63 19.20 12.96
C6 NAG C . -7.84 19.12 11.66
C7 NAG C . -11.65 19.70 16.36
C8 NAG C . -12.06 21.03 16.95
N2 NAG C . -10.38 19.60 15.96
O3 NAG C . -7.77 17.12 15.27
O4 NAG C . -7.64 20.65 14.59
O5 NAG C . -9.40 18.00 13.04
O6 NAG C . -8.71 19.25 10.54
O7 NAG C . -12.44 18.77 16.26
C1 NAG D . 10.41 4.90 -0.11
C2 NAG D . 10.95 4.25 -1.38
C3 NAG D . 12.46 4.41 -1.46
C4 NAG D . 12.84 5.88 -1.35
C5 NAG D . 12.25 6.46 -0.07
C6 NAG D . 12.49 7.96 0.06
C7 NAG D . 9.77 2.33 -2.37
C8 NAG D . 9.51 0.86 -2.27
N2 NAG D . 10.58 2.84 -1.43
O3 NAG D . 12.92 3.88 -2.69
O4 NAG D . 14.25 6.02 -1.32
O5 NAG D . 10.83 6.28 -0.05
O6 NAG D . 11.70 8.68 -0.86
O7 NAG D . 9.29 3.02 -3.26
C1 NAG E . -19.33 -10.30 9.06
C2 NAG E . -20.80 -10.15 8.70
C3 NAG E . -21.62 -11.27 9.33
C4 NAG E . -21.04 -12.62 8.95
C5 NAG E . -19.56 -12.68 9.31
C6 NAG E . -18.88 -13.95 8.83
C7 NAG E . -21.92 -8.01 8.28
C8 NAG E . -22.39 -6.71 8.87
N2 NAG E . -21.31 -8.85 9.11
O3 NAG E . -22.97 -11.17 8.89
O4 NAG E . -21.73 -13.66 9.63
O5 NAG E . -18.87 -11.59 8.69
O6 NAG E . -19.36 -14.34 7.56
O7 NAG E . -22.10 -8.28 7.09
C1 NAG F . 1.05 3.20 19.10
C2 NAG F . 1.53 4.05 20.28
C3 NAG F . 1.66 3.18 21.54
C4 NAG F . 0.37 2.42 21.82
C5 NAG F . -0.06 1.65 20.57
C6 NAG F . -1.42 1.01 20.73
C7 NAG F . 2.87 6.00 19.64
C8 NAG F . 4.25 6.51 19.35
N2 NAG F . 2.79 4.71 19.98
O3 NAG F . 1.97 4.02 22.65
O4 NAG F . 0.58 1.50 22.87
O5 NAG F . -0.16 2.54 19.46
O6 NAG F . -1.83 0.37 19.52
O7 NAG F . 1.88 6.72 19.58
C1 NAG G . 21.44 0.17 4.20
C2 NAG G . 22.22 1.19 5.03
C3 NAG G . 23.62 1.39 4.46
C4 NAG G . 24.35 0.06 4.35
C5 NAG G . 23.51 -0.91 3.52
C6 NAG G . 24.10 -2.29 3.46
C7 NAG G . 20.68 2.78 6.09
C8 NAG G . 20.02 4.12 5.99
N2 NAG G . 21.50 2.45 5.08
O3 NAG G . 24.35 2.27 5.31
O4 NAG G . 25.62 0.23 3.73
O5 NAG G . 22.20 -1.05 4.10
O6 NAG G . 24.05 -2.94 4.72
O7 NAG G . 20.48 2.04 7.04
C1 NAG H . 17.27 -0.78 16.97
C2 NAG H . 18.50 0.13 17.02
C3 NAG H . 18.73 0.67 18.43
C4 NAG H . 17.45 1.27 18.99
C5 NAG H . 16.32 0.26 18.89
C6 NAG H . 14.99 0.80 19.35
C7 NAG H . 20.46 -0.17 15.56
C8 NAG H . 21.64 -1.04 15.23
N2 NAG H . 19.69 -0.60 16.57
O3 NAG H . 19.73 1.67 18.38
O4 NAG H . 17.63 1.64 20.36
O5 NAG H . 16.16 -0.11 17.51
O6 NAG H . 14.43 1.68 18.38
O7 NAG H . 20.23 0.86 14.95
C1 NAG I . 11.28 -18.45 3.63
C2 NAG I . 10.73 -19.53 2.69
C3 NAG I . 10.30 -20.77 3.47
C4 NAG I . 11.40 -21.23 4.43
C5 NAG I . 11.84 -20.06 5.29
C6 NAG I . 12.97 -20.40 6.24
C7 NAG I . 9.34 -19.32 0.66
C8 NAG I . 8.13 -18.68 0.06
N2 NAG I . 9.60 -19.00 1.93
O3 NAG I . 9.98 -21.81 2.56
O4 NAG I . 10.91 -22.27 5.26
O5 NAG I . 12.31 -19.01 4.44
O6 NAG I . 14.22 -20.42 5.56
O7 NAG I . 10.06 -20.10 0.03
C1 NAG J . 10.00 7.73 7.23
C2 NAG J . 9.54 8.91 6.36
C3 NAG J . 9.94 10.24 6.99
C4 NAG J . 9.52 10.31 8.45
C5 NAG J . 10.07 9.11 9.19
C6 NAG J . 9.66 9.06 10.65
C7 NAG J . 9.34 8.69 3.92
C8 NAG J . 10.10 8.58 2.63
N2 NAG J . 10.09 8.78 5.03
O3 NAG J . 9.31 11.29 6.26
O4 NAG J . 10.02 11.51 9.05
O5 NAG J . 9.57 7.92 8.58
O6 NAG J . 8.86 7.91 10.91
O7 NAG J . 8.12 8.70 3.96
N1 EPE K . -6.70 11.19 -15.69
C2 EPE K . -7.62 10.06 -15.58
C3 EPE K . -8.37 10.16 -14.26
N4 EPE K . -7.52 10.50 -13.12
C5 EPE K . -6.36 11.33 -13.33
C6 EPE K . -5.68 11.06 -14.66
C7 EPE K . -8.11 10.54 -11.79
C8 EPE K . -8.62 9.19 -11.30
O8 EPE K . -9.83 8.86 -11.94
C9 EPE K . -6.05 11.20 -16.99
C10 EPE K . -5.94 12.63 -17.48
S EPE K . -5.41 12.62 -19.21
O1S EPE K . -4.28 11.69 -19.32
O2S EPE K . -6.53 12.14 -20.01
O3S EPE K . -5.00 13.95 -19.61
O A1ATK L . -8.43 -8.76 -11.60
C10 A1ATK L . 0.56 -9.50 -7.17
N A1ATK L . -9.43 -6.52 -11.01
CA A1ATK L . -8.84 -7.19 -9.87
CB A1ATK L . -10.06 -7.54 -9.01
CG A1ATK L . -11.02 -6.30 -9.00
CD A1ATK L . -12.54 -6.56 -8.76
NE A1ATK L . -13.48 -5.75 -9.57
CZ A1ATK L . -14.57 -4.90 -8.97
NH1 A1ATK L . -15.38 -4.23 -9.70
NH2 A1ATK L . -14.68 -4.85 -7.69
C01 A1ATK L . -7.99 -8.31 -10.58
C03 A1ATK L . -5.77 -8.56 -9.06
C04 A1ATK L . -4.43 -9.35 -8.95
C06 A1ATK L . -3.54 -11.92 -8.96
C08 A1ATK L . -1.74 -10.78 -7.24
C09 A1ATK L . -0.32 -10.61 -7.84
C13 A1ATK L . 2.75 -8.13 -7.66
C14 A1ATK L . 2.81 -7.52 -6.43
C15 A1ATK L . 3.80 -6.61 -6.19
C17 A1ATK L . 4.73 -6.33 -7.17
C19 A1ATK L . 4.69 -6.94 -8.38
C20 A1ATK L . 3.69 -7.83 -8.63
C21 A1ATK L . 0.50 -11.84 -7.73
C22 A1ATK L . -0.15 -13.05 -8.27
C23 A1ATK L . -1.60 -13.17 -7.75
C25 A1ATK L . -5.52 -11.07 -10.29
C26 A1ATK L . -6.03 -9.86 -11.06
F16 A1ATK L . 3.86 -5.99 -4.98
N02 A1ATK L . -6.64 -8.86 -10.21
N05 A1ATK L . -4.44 -10.77 -9.36
N07 A1ATK L . -2.36 -11.91 -8.00
N12 A1ATK L . 1.74 -9.10 -7.99
O11 A1ATK L . 0.32 -9.06 -6.11
O24 A1ATK L . -3.79 -12.97 -9.44
CL1 A1ATK L . 6.02 -5.14 -6.85
C1 MPD M . -18.89 -16.42 13.56
C2 MPD M . -18.52 -17.09 12.24
O2 MPD M . -17.12 -16.85 11.94
CM MPD M . -19.36 -16.44 11.15
C3 MPD M . -18.78 -18.60 12.30
C4 MPD M . -18.11 -19.35 11.15
O4 MPD M . -17.41 -20.44 11.67
C5 MPD M . -19.10 -19.86 10.11
#